data_8RZD
#
_entry.id   8RZD
#
_cell.length_a   168.204
_cell.length_b   168.204
_cell.length_c   52.057
_cell.angle_alpha   90.000
_cell.angle_beta   90.000
_cell.angle_gamma   120.000
#
_symmetry.space_group_name_H-M   'P 31 2 1'
#
loop_
_entity.id
_entity.type
_entity.pdbx_description
1 polymer "2'-O-methyltransferase nsp16"
2 polymer 'Non-structural protein 10'
3 non-polymer '3-[[(2S,3S,4R,5R)-5-(6-aminopurin-9-yl)-3,4-bis(oxidanyl)oxolan-2-yl]methylsulfanylmethyl]-5-(3-hydroxyphenyl)benzoic acid'
4 non-polymer '2-(N-MORPHOLINO)-ETHANESULFONIC ACID'
5 non-polymer 'ZINC ION'
6 water water
#
loop_
_entity_poly.entity_id
_entity_poly.type
_entity_poly.pdbx_seq_one_letter_code
_entity_poly.pdbx_strand_id
1 'polypeptide(L)'
;GSMASSQAWQPGVAMPNLYKMQRMLLEKCDLQNYGDSATLPKGIMMNVAKYTQLCQYLNTLTLAVPYNMRVIHFGAGSDK
GVAPGTAVLRQWLPTGTLLVDSDLNDFVSDADSTLIGDCATVHTANKWDLIISDMYDPKTKNVTKENDSKEGFFTYICGF
IQQKLALGGSVAIKITEHSWNADLYKLMGHFAWWTAFVTNVNASSSEAFLIGCNYLGKPREQIDGYVMHANYIFWRNTNP
IQLSSYSLFDMSKFPLKLRGTAVMSLKEGQINDMILSLLSKGRLIIRENNRVVISSDVLVNN
;
A
2 'polypeptide(L)'
;GSMAGNATEVPANSTVLSFCAFAVDAAKAYKDYLASGGQPITNCVKMLCTHTGTGQAITVTPEANMDQESFGGASCCLYC
RCHIDHPNPKGFCDLKGKYVQIPTTCANDPVGFTLKNTVCTVCGMWKGYGCSCDQLREPMLQ
;
B
#
loop_
_chem_comp.id
_chem_comp.type
_chem_comp.name
_chem_comp.formula
A1H4C non-polymer '3-[[(2S,3S,4R,5R)-5-(6-aminopurin-9-yl)-3,4-bis(oxidanyl)oxolan-2-yl]methylsulfanylmethyl]-5-(3-hydroxyphenyl)benzoic acid' 'C24 H23 N5 O6 S'
MES non-polymer '2-(N-MORPHOLINO)-ETHANESULFONIC ACID' 'C6 H13 N O4 S'
ZN non-polymer 'ZINC ION' 'Zn 2'
#
# COMPACT_ATOMS: atom_id res chain seq x y z
N SER A 6 1.78 -25.24 10.93
CA SER A 6 1.33 -23.94 11.40
C SER A 6 1.46 -22.86 10.31
N GLN A 7 0.54 -21.90 10.34
CA GLN A 7 0.54 -20.79 9.41
C GLN A 7 1.24 -19.56 9.98
N ALA A 8 1.89 -19.68 11.15
CA ALA A 8 2.50 -18.53 11.79
C ALA A 8 3.70 -18.01 11.01
N TRP A 9 4.30 -18.81 10.14
CA TRP A 9 5.41 -18.32 9.32
C TRP A 9 4.97 -17.79 7.96
N GLN A 10 3.70 -17.91 7.61
CA GLN A 10 3.20 -17.26 6.39
C GLN A 10 2.98 -15.76 6.66
N PRO A 11 2.75 -14.95 5.63
CA PRO A 11 2.41 -13.53 5.89
C PRO A 11 0.99 -13.35 6.40
N GLY A 12 0.13 -14.33 6.22
CA GLY A 12 -1.23 -14.25 6.70
C GLY A 12 -1.97 -15.50 6.25
N VAL A 13 -3.29 -15.48 6.38
CA VAL A 13 -4.14 -16.63 6.08
C VAL A 13 -5.18 -16.20 5.06
N ALA A 14 -5.32 -16.98 3.98
CA ALA A 14 -6.35 -16.76 2.97
C ALA A 14 -7.53 -17.67 3.25
N MET A 15 -8.74 -17.16 3.01
CA MET A 15 -9.98 -17.88 3.25
C MET A 15 -10.01 -19.17 2.46
N PRO A 16 -10.10 -20.34 3.10
CA PRO A 16 -10.08 -21.61 2.36
C PRO A 16 -11.28 -21.75 1.44
N ASN A 17 -11.04 -22.35 0.27
CA ASN A 17 -12.06 -22.46 -0.79
C ASN A 17 -13.34 -23.09 -0.27
N LEU A 18 -13.25 -24.07 0.63
CA LEU A 18 -14.47 -24.74 1.09
C LEU A 18 -15.38 -23.78 1.80
N TYR A 19 -14.82 -22.83 2.56
CA TYR A 19 -15.66 -21.83 3.21
C TYR A 19 -16.36 -20.95 2.18
N LYS A 20 -15.72 -20.72 1.02
CA LYS A 20 -16.36 -19.91 -0.03
C LYS A 20 -17.61 -20.58 -0.58
N MET A 21 -17.65 -21.92 -0.53
CA MET A 21 -18.76 -22.68 -1.12
C MET A 21 -19.93 -22.86 -0.18
N GLN A 22 -19.88 -22.32 1.03
CA GLN A 22 -20.98 -22.52 1.97
C GLN A 22 -22.12 -21.55 1.65
N ARG A 23 -23.19 -21.63 2.42
CA ARG A 23 -24.32 -20.70 2.40
C ARG A 23 -24.70 -20.30 3.82
N MET A 24 -23.74 -19.80 4.59
CA MET A 24 -24.04 -19.41 5.95
C MET A 24 -24.91 -18.16 6.02
N LEU A 25 -25.63 -18.01 7.12
CA LEU A 25 -26.29 -16.76 7.46
C LEU A 25 -25.34 -15.88 8.27
N LEU A 26 -25.51 -14.57 8.12
CA LEU A 26 -24.61 -13.61 8.76
C LEU A 26 -24.87 -13.56 10.26
N GLU A 27 -23.82 -13.73 11.05
CA GLU A 27 -23.93 -13.47 12.47
C GLU A 27 -22.83 -12.50 12.90
N LYS A 28 -22.87 -12.11 14.16
CA LYS A 28 -21.86 -11.20 14.68
C LYS A 28 -20.49 -11.85 14.69
N CYS A 29 -19.46 -11.07 14.38
CA CYS A 29 -18.10 -11.58 14.38
C CYS A 29 -17.56 -11.52 15.80
N ASP A 30 -17.03 -12.65 16.28
CA ASP A 30 -16.56 -12.75 17.66
C ASP A 30 -15.22 -13.49 17.61
N LEU A 31 -14.12 -12.73 17.63
CA LEU A 31 -12.81 -13.33 17.41
C LEU A 31 -12.18 -13.75 18.73
N GLN A 32 -11.71 -15.00 18.78
CA GLN A 32 -11.06 -15.52 19.98
C GLN A 32 -9.91 -14.61 20.42
N ASN A 33 -9.03 -14.28 19.48
CA ASN A 33 -7.84 -13.49 19.74
C ASN A 33 -8.12 -12.00 19.68
N TYR A 34 -9.38 -11.60 19.90
CA TYR A 34 -9.79 -10.19 19.79
C TYR A 34 -8.95 -9.25 20.63
N GLY A 35 -8.51 -9.69 21.81
CA GLY A 35 -7.76 -8.79 22.68
C GLY A 35 -6.31 -8.61 22.29
N ASP A 36 -5.70 -9.62 21.69
CA ASP A 36 -4.24 -9.66 21.58
C ASP A 36 -3.71 -8.71 20.49
N SER A 37 -2.41 -8.48 20.55
CA SER A 37 -1.65 -7.77 19.54
C SER A 37 -0.39 -8.57 19.24
N ALA A 38 0.11 -8.45 18.01
CA ALA A 38 1.39 -9.05 17.67
C ALA A 38 2.53 -8.14 18.09
N THR A 39 3.69 -8.75 18.34
CA THR A 39 4.89 -8.02 18.73
C THR A 39 5.64 -7.60 17.48
N LEU A 40 5.58 -6.33 17.17
CA LEU A 40 6.19 -5.80 15.97
C LEU A 40 7.68 -5.60 16.20
N PRO A 41 8.51 -5.76 15.17
CA PRO A 41 9.92 -5.39 15.29
C PRO A 41 10.04 -3.96 15.80
N LYS A 42 11.16 -3.70 16.48
CA LYS A 42 11.38 -2.43 17.14
C LYS A 42 11.18 -1.24 16.19
N GLY A 43 10.30 -0.32 16.58
CA GLY A 43 10.08 0.89 15.80
C GLY A 43 9.31 0.71 14.50
N ILE A 44 8.72 -0.47 14.24
CA ILE A 44 7.94 -0.67 13.02
C ILE A 44 6.47 -0.41 13.32
N MET A 45 5.84 0.43 12.47
CA MET A 45 4.40 0.73 12.54
C MET A 45 3.54 -0.45 12.09
N MET A 46 2.35 -0.58 12.71
CA MET A 46 1.36 -1.55 12.24
C MET A 46 1.11 -1.42 10.73
N ASN A 47 0.98 -0.21 10.21
CA ASN A 47 0.59 -0.19 8.81
C ASN A 47 1.74 -0.50 7.85
N VAL A 48 2.98 -0.32 8.28
CA VAL A 48 4.09 -0.83 7.47
C VAL A 48 4.08 -2.36 7.48
N ALA A 49 3.89 -2.95 8.66
CA ALA A 49 3.92 -4.40 8.79
C ALA A 49 2.74 -5.03 8.06
N LYS A 50 1.58 -4.36 8.11
CA LYS A 50 0.38 -4.88 7.45
C LYS A 50 0.54 -4.88 5.93
N TYR A 51 0.99 -3.76 5.37
CA TYR A 51 1.22 -3.71 3.93
C TYR A 51 2.36 -4.63 3.52
N THR A 52 3.37 -4.82 4.38
CA THR A 52 4.44 -5.74 4.01
C THR A 52 3.89 -7.16 3.85
N GLN A 53 3.02 -7.58 4.78
CA GLN A 53 2.48 -8.92 4.71
C GLN A 53 1.51 -9.07 3.55
N LEU A 54 0.72 -8.02 3.26
CA LEU A 54 -0.16 -8.06 2.09
C LEU A 54 0.66 -8.28 0.83
N CYS A 55 1.76 -7.54 0.69
CA CYS A 55 2.61 -7.65 -0.49
C CYS A 55 3.30 -9.01 -0.55
N GLN A 56 3.72 -9.54 0.61
CA GLN A 56 4.31 -10.87 0.65
C GLN A 56 3.33 -11.92 0.15
N TYR A 57 2.05 -11.79 0.53
CA TYR A 57 1.05 -12.71 0.03
C TYR A 57 0.78 -12.49 -1.46
N LEU A 58 0.74 -11.21 -1.90
CA LEU A 58 0.51 -10.97 -3.32
C LEU A 58 1.66 -11.53 -4.16
N ASN A 59 2.85 -11.69 -3.56
CA ASN A 59 3.94 -12.33 -4.28
C ASN A 59 3.64 -13.78 -4.67
N THR A 60 2.67 -14.43 -4.03
CA THR A 60 2.36 -15.83 -4.32
C THR A 60 1.28 -15.99 -5.36
N LEU A 61 0.74 -14.90 -5.88
CA LEU A 61 -0.32 -14.96 -6.86
C LEU A 61 0.23 -14.65 -8.24
N THR A 62 -0.57 -14.94 -9.26
CA THR A 62 -0.18 -14.74 -10.65
C THR A 62 -0.48 -13.31 -11.10
N LEU A 63 0.13 -12.34 -10.41
CA LEU A 63 -0.07 -10.94 -10.77
C LEU A 63 0.61 -10.64 -12.10
N ALA A 64 -0.10 -9.95 -12.98
CA ALA A 64 0.53 -9.39 -14.17
C ALA A 64 1.43 -8.22 -13.77
N VAL A 65 2.69 -8.26 -14.21
CA VAL A 65 3.64 -7.20 -13.88
C VAL A 65 4.22 -6.63 -15.16
N PRO A 66 3.52 -5.71 -15.83
CA PRO A 66 4.03 -5.15 -17.07
C PRO A 66 5.13 -4.12 -16.83
N TYR A 67 5.85 -3.83 -17.91
CA TYR A 67 6.57 -2.57 -17.97
C TYR A 67 5.56 -1.45 -17.91
N ASN A 68 5.90 -0.36 -17.23
CA ASN A 68 4.94 0.71 -16.97
C ASN A 68 3.76 0.21 -16.19
N MET A 69 4.02 -0.58 -15.16
CA MET A 69 2.93 -0.93 -14.29
C MET A 69 2.32 0.34 -13.72
N ARG A 70 1.00 0.37 -13.70
CA ARG A 70 0.23 1.49 -13.20
C ARG A 70 -0.51 1.02 -11.96
N VAL A 71 -0.20 1.61 -10.82
CA VAL A 71 -0.81 1.23 -9.56
C VAL A 71 -1.42 2.46 -8.92
N ILE A 72 -2.64 2.31 -8.40
CA ILE A 72 -3.29 3.40 -7.67
C ILE A 72 -3.73 2.89 -6.30
N HIS A 73 -3.56 3.73 -5.29
CA HIS A 73 -3.72 3.37 -3.88
C HIS A 73 -4.68 4.36 -3.23
N PHE A 74 -5.89 3.89 -2.91
CA PHE A 74 -6.89 4.72 -2.22
C PHE A 74 -6.81 4.56 -0.71
N GLY A 75 -7.12 5.64 0.01
CA GLY A 75 -7.07 5.62 1.46
C GLY A 75 -5.67 5.64 2.02
N ALA A 76 -4.75 6.33 1.37
CA ALA A 76 -3.33 6.20 1.65
C ALA A 76 -2.81 7.13 2.72
N GLY A 77 -3.63 8.01 3.30
CA GLY A 77 -3.17 8.90 4.35
C GLY A 77 -3.31 8.27 5.74
N SER A 78 -2.58 8.83 6.69
CA SER A 78 -2.70 8.46 8.09
C SER A 78 -3.08 9.71 8.89
N ASP A 79 -3.49 9.48 10.14
CA ASP A 79 -3.82 10.61 10.99
C ASP A 79 -2.60 11.38 11.43
N LYS A 80 -1.40 10.99 10.99
CA LYS A 80 -0.20 11.79 11.18
C LYS A 80 0.34 12.37 9.87
N GLY A 81 -0.44 12.31 8.80
CA GLY A 81 -0.11 13.06 7.58
C GLY A 81 0.98 12.48 6.71
N VAL A 82 1.32 11.19 6.89
CA VAL A 82 2.26 10.49 6.00
C VAL A 82 1.57 9.28 5.39
N ALA A 83 2.27 8.54 4.53
CA ALA A 83 1.66 7.44 3.76
C ALA A 83 2.50 6.18 3.92
N PRO A 84 2.37 5.47 5.04
CA PRO A 84 3.21 4.27 5.25
C PRO A 84 2.90 3.15 4.26
N GLY A 85 1.64 2.97 3.89
CA GLY A 85 1.30 1.96 2.91
C GLY A 85 1.91 2.22 1.55
N THR A 86 1.88 3.48 1.07
CA THR A 86 2.46 3.70 -0.24
C THR A 86 3.98 3.55 -0.19
N ALA A 87 4.60 3.90 0.94
CA ALA A 87 6.03 3.62 1.08
C ALA A 87 6.34 2.13 0.90
N VAL A 88 5.50 1.23 1.46
CA VAL A 88 5.73 -0.20 1.25
C VAL A 88 5.45 -0.61 -0.19
N LEU A 89 4.35 -0.10 -0.78
CA LEU A 89 4.04 -0.41 -2.17
C LEU A 89 5.16 0.00 -3.09
N ARG A 90 5.75 1.16 -2.82
CA ARG A 90 6.84 1.68 -3.64
C ARG A 90 8.13 0.88 -3.45
N GLN A 91 8.36 0.34 -2.25
CA GLN A 91 9.44 -0.62 -2.04
C GLN A 91 9.20 -1.91 -2.82
N TRP A 92 7.96 -2.38 -2.81
CA TRP A 92 7.58 -3.65 -3.42
C TRP A 92 7.63 -3.60 -4.96
N LEU A 93 7.08 -2.54 -5.55
CA LEU A 93 6.86 -2.51 -6.99
C LEU A 93 8.18 -2.27 -7.74
N PRO A 94 8.29 -2.77 -8.98
CA PRO A 94 9.51 -2.52 -9.76
C PRO A 94 9.83 -1.03 -9.84
N THR A 95 11.12 -0.72 -9.89
CA THR A 95 11.52 0.68 -10.02
C THR A 95 10.98 1.23 -11.33
N GLY A 96 10.50 2.48 -11.29
CA GLY A 96 9.85 3.07 -12.43
C GLY A 96 8.36 2.85 -12.50
N THR A 97 7.80 2.00 -11.64
CA THR A 97 6.36 1.82 -11.59
C THR A 97 5.66 3.14 -11.26
N LEU A 98 4.66 3.51 -12.06
CA LEU A 98 3.86 4.69 -11.78
C LEU A 98 2.87 4.40 -10.65
N LEU A 99 3.01 5.13 -9.55
CA LEU A 99 2.22 4.91 -8.34
C LEU A 99 1.47 6.18 -8.01
N VAL A 100 0.13 6.11 -8.01
CA VAL A 100 -0.71 7.25 -7.66
C VAL A 100 -1.42 6.97 -6.35
N ASP A 101 -1.50 8.01 -5.52
CA ASP A 101 -1.93 8.05 -4.14
C ASP A 101 -3.18 8.90 -3.96
N SER A 102 -4.05 8.53 -3.00
CA SER A 102 -5.20 9.37 -2.69
C SER A 102 -5.70 9.19 -1.27
N ASP A 103 -6.29 10.26 -0.73
CA ASP A 103 -6.99 10.19 0.55
C ASP A 103 -7.87 11.43 0.72
N LEU A 104 -8.85 11.31 1.61
CA LEU A 104 -9.72 12.44 1.94
C LEU A 104 -8.93 13.58 2.56
N ASN A 105 -8.00 13.26 3.45
CA ASN A 105 -7.24 14.25 4.20
C ASN A 105 -5.83 14.40 3.65
N ASP A 106 -5.26 15.57 3.88
CA ASP A 106 -3.94 15.92 3.39
C ASP A 106 -2.86 15.05 4.05
N PHE A 107 -1.83 14.72 3.28
CA PHE A 107 -0.71 13.90 3.73
C PHE A 107 0.40 14.06 2.71
N VAL A 108 1.64 13.75 3.11
CA VAL A 108 2.77 13.78 2.19
C VAL A 108 3.17 12.34 1.87
N SER A 109 3.61 12.13 0.65
CA SER A 109 3.66 10.79 0.08
C SER A 109 4.89 10.63 -0.79
N ASP A 110 5.34 9.38 -0.89
CA ASP A 110 6.39 8.96 -1.81
C ASP A 110 5.85 8.54 -3.17
N ALA A 111 4.54 8.59 -3.37
CA ALA A 111 3.94 8.27 -4.65
C ALA A 111 4.34 9.30 -5.71
N ASP A 112 4.26 8.89 -6.97
CA ASP A 112 4.57 9.82 -8.07
C ASP A 112 3.55 10.95 -8.14
N SER A 113 2.32 10.71 -7.74
CA SER A 113 1.33 11.77 -7.70
C SER A 113 0.30 11.44 -6.63
N THR A 114 -0.19 12.47 -5.94
CA THR A 114 -1.14 12.35 -4.85
C THR A 114 -2.33 13.27 -5.11
N LEU A 115 -3.55 12.75 -4.94
CA LEU A 115 -4.77 13.56 -5.01
C LEU A 115 -5.43 13.54 -3.65
N ILE A 116 -5.83 14.71 -3.18
CA ILE A 116 -6.51 14.88 -1.89
C ILE A 116 -7.97 15.18 -2.18
N GLY A 117 -8.87 14.52 -1.46
CA GLY A 117 -10.29 14.70 -1.61
C GLY A 117 -11.03 13.38 -1.50
N ASP A 118 -12.36 13.40 -1.47
CA ASP A 118 -13.14 12.17 -1.48
C ASP A 118 -12.80 11.35 -2.73
N CYS A 119 -12.75 10.02 -2.60
CA CYS A 119 -12.36 9.22 -3.76
C CYS A 119 -13.32 9.45 -4.92
N ALA A 120 -14.60 9.77 -4.65
CA ALA A 120 -15.54 10.00 -5.74
C ALA A 120 -15.15 11.20 -6.61
N THR A 121 -14.32 12.12 -6.12
CA THR A 121 -13.81 13.22 -6.95
C THR A 121 -12.63 12.82 -7.83
N VAL A 122 -12.14 11.58 -7.76
CA VAL A 122 -10.95 11.17 -8.49
C VAL A 122 -11.34 10.60 -9.84
N HIS A 123 -10.69 11.09 -10.90
CA HIS A 123 -10.91 10.61 -12.26
C HIS A 123 -9.56 10.36 -12.93
N THR A 124 -9.48 9.31 -13.74
CA THR A 124 -8.27 9.03 -14.49
C THR A 124 -8.63 8.72 -15.93
N ALA A 125 -7.74 9.12 -16.84
CA ALA A 125 -7.93 8.81 -18.25
C ALA A 125 -7.52 7.37 -18.54
N ASN A 126 -6.40 6.94 -17.97
CA ASN A 126 -5.88 5.62 -18.25
C ASN A 126 -6.57 4.55 -17.39
N LYS A 127 -6.29 3.30 -17.72
CA LYS A 127 -6.63 2.16 -16.88
C LYS A 127 -5.43 1.79 -16.03
N TRP A 128 -5.65 0.88 -15.07
CA TRP A 128 -4.65 0.57 -14.06
C TRP A 128 -4.42 -0.94 -13.98
N ASP A 129 -3.21 -1.32 -13.58
CA ASP A 129 -2.83 -2.72 -13.46
C ASP A 129 -3.06 -3.29 -12.07
N LEU A 130 -3.14 -2.44 -11.06
CA LEU A 130 -3.31 -2.87 -9.69
C LEU A 130 -4.00 -1.77 -8.92
N ILE A 131 -5.07 -2.11 -8.20
CA ILE A 131 -5.78 -1.14 -7.37
C ILE A 131 -5.70 -1.65 -5.92
N ILE A 132 -5.20 -0.80 -5.03
CA ILE A 132 -5.09 -1.09 -3.61
C ILE A 132 -5.97 -0.10 -2.85
N SER A 133 -6.78 -0.59 -1.90
CA SER A 133 -7.60 0.33 -1.11
C SER A 133 -7.55 -0.06 0.37
N ASP A 134 -7.31 0.95 1.20
CA ASP A 134 -7.35 0.85 2.64
C ASP A 134 -8.49 1.68 3.22
N MET A 135 -9.39 2.15 2.38
CA MET A 135 -10.43 3.05 2.84
C MET A 135 -11.35 2.33 3.80
N TYR A 136 -11.79 3.06 4.81
CA TYR A 136 -12.54 2.50 5.92
C TYR A 136 -13.19 3.65 6.67
N ASP A 137 -14.42 3.47 7.10
CA ASP A 137 -15.17 4.49 7.85
C ASP A 137 -15.52 3.94 9.22
N PRO A 138 -14.92 4.45 10.30
CA PRO A 138 -15.19 3.86 11.64
C PRO A 138 -16.64 3.95 12.05
N LYS A 139 -17.40 4.87 11.47
CA LYS A 139 -18.81 5.02 11.77
C LYS A 139 -19.65 3.82 11.29
N THR A 140 -19.06 2.87 10.57
CA THR A 140 -19.79 1.66 10.21
C THR A 140 -19.84 0.64 11.34
N LYS A 141 -18.96 0.76 12.34
CA LYS A 141 -18.88 -0.21 13.43
C LYS A 141 -19.96 0.05 14.47
N ASN A 142 -21.20 0.06 14.00
CA ASN A 142 -22.39 0.14 14.84
C ASN A 142 -22.80 -1.29 15.18
N VAL A 143 -22.25 -1.81 16.29
CA VAL A 143 -22.63 -3.16 16.75
C VAL A 143 -24.09 -3.20 17.16
N THR A 144 -24.68 -2.06 17.49
CA THR A 144 -26.07 -2.03 17.92
C THR A 144 -27.05 -2.14 16.76
N LYS A 145 -26.60 -2.41 15.53
CA LYS A 145 -27.57 -2.58 14.46
C LYS A 145 -27.13 -3.48 13.31
N GLU A 146 -28.16 -3.97 12.61
CA GLU A 146 -28.08 -4.79 11.41
C GLU A 146 -26.88 -4.41 10.56
N ASN A 147 -26.13 -5.42 10.20
CA ASN A 147 -24.93 -5.26 9.39
C ASN A 147 -25.35 -5.45 7.94
N ASP A 148 -25.73 -4.36 7.28
CA ASP A 148 -26.15 -4.40 5.89
C ASP A 148 -24.98 -4.06 4.98
N SER A 149 -25.14 -4.38 3.69
CA SER A 149 -24.13 -4.00 2.71
C SER A 149 -23.97 -2.49 2.71
N LYS A 150 -22.72 -2.01 2.67
CA LYS A 150 -22.44 -0.59 2.80
C LYS A 150 -22.16 0.02 1.43
N GLU A 151 -22.59 1.26 1.27
CA GLU A 151 -22.36 2.10 0.10
C GLU A 151 -21.18 3.03 0.37
N GLY A 152 -21.23 4.24 -0.15
CA GLY A 152 -20.19 5.19 0.16
C GLY A 152 -19.06 4.91 -0.79
N PHE A 153 -17.83 4.85 -0.27
CA PHE A 153 -16.69 4.63 -1.16
C PHE A 153 -16.73 3.27 -1.87
N PHE A 154 -17.46 2.29 -1.33
CA PHE A 154 -17.57 1.00 -2.04
C PHE A 154 -18.28 1.17 -3.38
N THR A 155 -19.26 2.09 -3.47
CA THR A 155 -19.90 2.31 -4.77
C THR A 155 -18.90 2.81 -5.79
N TYR A 156 -18.07 3.78 -5.39
CA TYR A 156 -17.04 4.28 -6.26
C TYR A 156 -16.08 3.18 -6.68
N ILE A 157 -15.62 2.37 -5.72
CA ILE A 157 -14.62 1.34 -6.00
C ILE A 157 -15.15 0.34 -7.02
N CYS A 158 -16.42 -0.07 -6.88
CA CYS A 158 -16.98 -1.06 -7.81
C CYS A 158 -16.99 -0.52 -9.24
N GLY A 159 -17.48 0.71 -9.42
CA GLY A 159 -17.48 1.32 -10.73
C GLY A 159 -16.07 1.58 -11.24
N PHE A 160 -15.15 1.93 -10.34
CA PHE A 160 -13.78 2.20 -10.76
C PHE A 160 -13.10 0.94 -11.26
N ILE A 161 -13.39 -0.19 -10.63
CA ILE A 161 -12.88 -1.47 -11.11
C ILE A 161 -13.45 -1.78 -12.49
N GLN A 162 -14.76 -1.63 -12.62
CA GLN A 162 -15.40 -2.01 -13.87
C GLN A 162 -14.96 -1.12 -15.03
N GLN A 163 -14.67 0.16 -14.76
CA GLN A 163 -14.35 1.12 -15.81
C GLN A 163 -12.85 1.34 -16.02
N LYS A 164 -12.01 1.20 -14.97
CA LYS A 164 -10.63 1.63 -15.07
C LYS A 164 -9.62 0.57 -14.64
N LEU A 165 -10.02 -0.69 -14.48
CA LEU A 165 -9.06 -1.76 -14.23
C LEU A 165 -8.80 -2.48 -15.54
N ALA A 166 -7.54 -2.59 -15.92
CA ALA A 166 -7.18 -3.31 -17.11
C ALA A 166 -7.50 -4.80 -16.97
N LEU A 167 -7.97 -5.41 -18.07
CA LEU A 167 -8.11 -6.86 -18.09
C LEU A 167 -6.78 -7.50 -17.73
N GLY A 168 -6.82 -8.46 -16.82
CA GLY A 168 -5.63 -9.06 -16.31
C GLY A 168 -5.10 -8.42 -15.04
N GLY A 169 -5.55 -7.22 -14.71
CA GLY A 169 -5.09 -6.58 -13.50
C GLY A 169 -5.74 -7.18 -12.26
N SER A 170 -5.30 -6.69 -11.11
CA SER A 170 -5.71 -7.24 -9.83
C SER A 170 -6.06 -6.14 -8.86
N VAL A 171 -6.63 -6.57 -7.74
CA VAL A 171 -7.25 -5.66 -6.78
C VAL A 171 -7.03 -6.21 -5.37
N ALA A 172 -6.83 -5.32 -4.40
CA ALA A 172 -6.87 -5.69 -2.98
C ALA A 172 -7.61 -4.58 -2.23
N ILE A 173 -8.81 -4.89 -1.73
CA ILE A 173 -9.70 -3.88 -1.14
C ILE A 173 -9.99 -4.29 0.29
N LYS A 174 -9.76 -3.36 1.22
CA LYS A 174 -9.94 -3.66 2.63
C LYS A 174 -11.42 -3.74 2.98
N ILE A 175 -11.78 -4.77 3.74
CA ILE A 175 -13.11 -4.93 4.32
C ILE A 175 -12.93 -5.24 5.79
N THR A 176 -14.04 -5.16 6.52
CA THR A 176 -14.11 -5.58 7.92
C THR A 176 -15.44 -6.26 8.12
N GLU A 177 -15.72 -6.67 9.37
CA GLU A 177 -17.05 -7.19 9.68
C GLU A 177 -18.14 -6.24 9.20
N HIS A 178 -18.02 -4.95 9.52
CA HIS A 178 -19.09 -4.01 9.21
C HIS A 178 -18.84 -3.18 7.96
N SER A 179 -17.58 -3.06 7.51
CA SER A 179 -17.25 -2.29 6.31
C SER A 179 -17.14 -3.27 5.14
N TRP A 180 -18.23 -3.43 4.40
CA TRP A 180 -18.24 -4.39 3.30
C TRP A 180 -19.36 -4.02 2.34
N ASN A 181 -19.34 -4.63 1.16
CA ASN A 181 -20.30 -4.32 0.11
C ASN A 181 -20.58 -5.54 -0.75
N ALA A 182 -21.87 -5.85 -0.96
CA ALA A 182 -22.24 -7.08 -1.67
C ALA A 182 -21.80 -7.08 -3.13
N ASP A 183 -21.88 -5.92 -3.81
CA ASP A 183 -21.49 -5.88 -5.22
C ASP A 183 -20.01 -6.11 -5.40
N LEU A 184 -19.20 -5.62 -4.47
CA LEU A 184 -17.76 -5.87 -4.52
C LEU A 184 -17.46 -7.36 -4.42
N TYR A 185 -18.15 -8.07 -3.54
CA TYR A 185 -18.04 -9.53 -3.52
C TYR A 185 -18.49 -10.13 -4.85
N LYS A 186 -19.61 -9.67 -5.41
CA LYS A 186 -20.05 -10.20 -6.69
C LYS A 186 -18.99 -9.93 -7.76
N LEU A 187 -18.37 -8.76 -7.70
CA LEU A 187 -17.31 -8.42 -8.65
C LEU A 187 -16.14 -9.39 -8.57
N MET A 188 -15.85 -9.94 -7.38
CA MET A 188 -14.81 -10.95 -7.26
C MET A 188 -15.03 -12.10 -8.24
N GLY A 189 -16.29 -12.42 -8.57
CA GLY A 189 -16.53 -13.45 -9.56
C GLY A 189 -16.17 -13.07 -10.99
N HIS A 190 -15.74 -11.82 -11.21
CA HIS A 190 -15.28 -11.38 -12.52
C HIS A 190 -13.77 -11.47 -12.67
N PHE A 191 -13.09 -12.05 -11.69
CA PHE A 191 -11.68 -12.35 -11.77
C PHE A 191 -11.51 -13.85 -11.94
N ALA A 192 -10.33 -14.23 -12.45
CA ALA A 192 -10.00 -15.64 -12.58
C ALA A 192 -9.94 -16.34 -11.23
N TRP A 193 -9.65 -15.60 -10.16
CA TRP A 193 -9.55 -16.15 -8.81
C TRP A 193 -9.71 -15.00 -7.82
N TRP A 194 -10.09 -15.34 -6.60
CA TRP A 194 -10.31 -14.34 -5.56
C TRP A 194 -10.16 -14.98 -4.19
N THR A 195 -9.90 -14.15 -3.19
CA THR A 195 -9.89 -14.61 -1.81
C THR A 195 -10.11 -13.42 -0.88
N ALA A 196 -10.28 -13.73 0.40
CA ALA A 196 -10.20 -12.74 1.48
C ALA A 196 -8.95 -13.07 2.30
N PHE A 197 -8.03 -12.12 2.39
CA PHE A 197 -6.73 -12.38 3.00
C PHE A 197 -6.58 -11.60 4.29
N VAL A 198 -6.19 -12.30 5.35
CA VAL A 198 -6.01 -11.73 6.69
C VAL A 198 -4.52 -11.70 6.99
N THR A 199 -3.96 -10.50 7.26
CA THR A 199 -2.55 -10.44 7.62
C THR A 199 -2.33 -11.08 8.99
N ASN A 200 -1.23 -11.81 9.14
CA ASN A 200 -0.93 -12.42 10.43
C ASN A 200 -0.72 -11.36 11.50
N VAL A 201 -0.23 -10.19 11.12
CA VAL A 201 0.06 -9.16 12.10
C VAL A 201 -1.21 -8.50 12.63
N ASN A 202 -2.33 -8.54 11.89
CA ASN A 202 -3.56 -7.90 12.36
C ASN A 202 -4.70 -8.90 12.51
N ALA A 203 -4.35 -10.17 12.80
CA ALA A 203 -5.30 -11.27 12.79
C ALA A 203 -6.34 -11.19 13.90
N SER A 204 -6.12 -10.34 14.89
CA SER A 204 -7.11 -10.05 15.93
C SER A 204 -8.23 -9.13 15.44
N SER A 205 -8.15 -8.63 14.22
CA SER A 205 -9.16 -7.77 13.62
C SER A 205 -10.00 -8.52 12.59
N SER A 206 -11.26 -8.10 12.43
CA SER A 206 -12.11 -8.64 11.38
C SER A 206 -11.75 -8.10 10.02
N GLU A 207 -10.79 -7.17 9.95
CA GLU A 207 -10.21 -6.74 8.68
C GLU A 207 -9.77 -7.92 7.81
N ALA A 208 -10.03 -7.80 6.51
CA ALA A 208 -9.40 -8.62 5.50
C ALA A 208 -9.21 -7.77 4.27
N PHE A 209 -8.32 -8.19 3.39
CA PHE A 209 -8.24 -7.63 2.06
C PHE A 209 -8.94 -8.56 1.08
N LEU A 210 -9.97 -8.05 0.43
CA LEU A 210 -10.62 -8.78 -0.66
C LEU A 210 -9.78 -8.65 -1.91
N ILE A 211 -9.23 -9.76 -2.39
CA ILE A 211 -8.26 -9.76 -3.48
C ILE A 211 -8.89 -10.39 -4.72
N GLY A 212 -8.95 -9.63 -5.82
CA GLY A 212 -9.35 -10.17 -7.11
C GLY A 212 -8.10 -10.29 -7.96
N CYS A 213 -7.82 -11.51 -8.43
CA CYS A 213 -6.59 -11.80 -9.15
C CYS A 213 -6.91 -12.04 -10.63
N ASN A 214 -6.33 -11.23 -11.52
CA ASN A 214 -6.50 -11.34 -12.98
C ASN A 214 -7.93 -11.07 -13.46
N TYR A 215 -8.29 -9.79 -13.55
CA TYR A 215 -9.61 -9.32 -13.98
C TYR A 215 -9.97 -9.80 -15.39
N LEU A 216 -11.19 -10.32 -15.54
CA LEU A 216 -11.67 -10.82 -16.82
C LEU A 216 -12.75 -9.98 -17.45
N GLY A 217 -13.27 -8.98 -16.74
CA GLY A 217 -14.29 -8.10 -17.31
C GLY A 217 -15.67 -8.68 -17.47
N LYS A 218 -15.88 -9.95 -17.14
CA LYS A 218 -17.18 -10.57 -17.22
C LYS A 218 -17.34 -11.53 -16.05
N PRO A 219 -18.58 -11.91 -15.71
CA PRO A 219 -18.77 -12.88 -14.62
C PRO A 219 -18.27 -14.26 -15.01
N ARG A 220 -17.19 -14.70 -14.36
CA ARG A 220 -16.79 -16.09 -14.47
C ARG A 220 -17.64 -16.99 -13.58
N GLU A 221 -18.07 -16.49 -12.42
CA GLU A 221 -18.97 -17.21 -11.54
C GLU A 221 -19.92 -16.22 -10.87
N GLN A 222 -21.11 -16.69 -10.52
CA GLN A 222 -22.10 -15.88 -9.86
C GLN A 222 -21.87 -15.96 -8.36
N ILE A 223 -21.68 -14.81 -7.72
CA ILE A 223 -21.44 -14.76 -6.29
C ILE A 223 -22.51 -13.86 -5.70
N ASP A 224 -23.29 -14.42 -4.78
CA ASP A 224 -24.18 -13.61 -3.94
C ASP A 224 -23.33 -12.98 -2.84
N GLY A 225 -23.32 -11.65 -2.80
CA GLY A 225 -22.41 -10.95 -1.90
C GLY A 225 -22.83 -10.96 -0.45
N TYR A 226 -24.14 -11.01 -0.18
CA TYR A 226 -24.57 -11.16 1.21
C TYR A 226 -24.17 -12.53 1.76
N VAL A 227 -24.36 -13.58 0.97
CA VAL A 227 -23.97 -14.93 1.40
C VAL A 227 -22.46 -15.01 1.60
N MET A 228 -21.68 -14.44 0.67
CA MET A 228 -20.24 -14.58 0.77
C MET A 228 -19.68 -13.86 1.99
N HIS A 229 -20.23 -12.69 2.33
CA HIS A 229 -19.73 -12.02 3.54
C HIS A 229 -20.10 -12.82 4.78
N ALA A 230 -21.28 -13.43 4.78
CA ALA A 230 -21.64 -14.35 5.85
C ALA A 230 -20.68 -15.53 5.91
N ASN A 231 -20.31 -16.09 4.75
CA ASN A 231 -19.30 -17.15 4.72
C ASN A 231 -17.97 -16.65 5.27
N TYR A 232 -17.61 -15.40 4.97
CA TYR A 232 -16.32 -14.89 5.41
C TYR A 232 -16.31 -14.78 6.94
N ILE A 233 -17.39 -14.26 7.51
CA ILE A 233 -17.48 -14.15 8.97
C ILE A 233 -17.49 -15.53 9.63
N PHE A 234 -18.24 -16.47 9.07
CA PHE A 234 -18.25 -17.82 9.61
C PHE A 234 -16.83 -18.39 9.67
N TRP A 235 -16.06 -18.23 8.59
CA TRP A 235 -14.66 -18.67 8.61
C TRP A 235 -13.88 -17.99 9.73
N ARG A 236 -13.92 -16.65 9.80
CA ARG A 236 -13.20 -15.93 10.87
C ARG A 236 -13.67 -16.38 12.25
N ASN A 237 -14.98 -16.59 12.44
CA ASN A 237 -15.50 -16.97 13.75
C ASN A 237 -15.02 -18.35 14.20
N THR A 238 -14.79 -19.27 13.27
CA THR A 238 -14.51 -20.65 13.66
C THR A 238 -13.05 -21.01 13.48
N ASN A 239 -12.21 -20.09 12.97
CA ASN A 239 -10.81 -20.38 12.69
C ASN A 239 -9.95 -19.28 13.27
N PRO A 240 -9.65 -19.35 14.57
CA PRO A 240 -8.75 -18.36 15.17
C PRO A 240 -7.40 -18.36 14.48
N ILE A 241 -6.87 -17.19 14.22
CA ILE A 241 -5.58 -17.05 13.57
C ILE A 241 -4.60 -16.53 14.60
N GLN A 242 -3.49 -17.24 14.78
CA GLN A 242 -2.49 -16.84 15.77
C GLN A 242 -1.75 -15.61 15.27
N LEU A 243 -1.79 -14.53 16.04
CA LEU A 243 -1.07 -13.33 15.66
C LEU A 243 0.41 -13.65 15.49
N SER A 244 1.03 -13.06 14.46
CA SER A 244 2.42 -13.40 14.21
C SER A 244 3.08 -12.34 13.34
N SER A 245 4.31 -11.98 13.68
CA SER A 245 5.09 -11.08 12.86
C SER A 245 6.30 -11.76 12.23
N TYR A 246 6.32 -13.11 12.24
CA TYR A 246 7.49 -13.86 11.80
C TYR A 246 7.94 -13.48 10.39
N SER A 247 6.99 -13.38 9.45
CA SER A 247 7.36 -13.15 8.06
C SER A 247 8.03 -11.81 7.85
N LEU A 248 7.87 -10.87 8.79
CA LEU A 248 8.49 -9.54 8.62
C LEU A 248 10.00 -9.59 8.68
N PHE A 249 10.57 -10.63 9.31
CA PHE A 249 12.01 -10.68 9.50
C PHE A 249 12.76 -11.25 8.31
N ASP A 250 12.07 -11.67 7.25
CA ASP A 250 12.75 -12.21 6.07
C ASP A 250 12.22 -11.48 4.85
N MET A 251 12.95 -10.44 4.46
CA MET A 251 12.63 -9.60 3.33
C MET A 251 13.50 -9.89 2.12
N SER A 252 14.29 -10.97 2.15
CA SER A 252 15.22 -11.23 1.06
C SER A 252 14.52 -11.47 -0.27
N LYS A 253 13.27 -11.92 -0.26
CA LYS A 253 12.56 -12.19 -1.51
C LYS A 253 11.38 -11.24 -1.70
N PHE A 254 11.43 -10.06 -1.07
CA PHE A 254 10.26 -9.18 -1.05
C PHE A 254 9.90 -8.59 -2.40
N PRO A 255 10.83 -8.08 -3.22
CA PRO A 255 10.41 -7.30 -4.41
C PRO A 255 9.55 -8.09 -5.37
N LEU A 256 8.54 -7.41 -5.93
CA LEU A 256 7.67 -8.05 -6.92
C LEU A 256 8.50 -8.41 -8.16
N LYS A 257 8.39 -9.66 -8.61
CA LYS A 257 9.11 -10.12 -9.80
C LYS A 257 8.67 -9.32 -11.02
N LEU A 258 9.61 -8.65 -11.70
CA LEU A 258 9.25 -7.98 -12.95
C LEU A 258 9.13 -9.03 -14.03
N ARG A 259 7.89 -9.41 -14.33
CA ARG A 259 7.59 -10.45 -15.31
C ARG A 259 7.61 -9.93 -16.74
N GLY A 260 7.64 -8.61 -16.94
CA GLY A 260 7.54 -8.05 -18.28
C GLY A 260 6.28 -8.48 -19.01
N THR A 261 5.19 -8.67 -18.29
CA THR A 261 3.93 -9.12 -18.88
C THR A 261 3.55 -8.27 -20.09
N ALA A 262 3.08 -8.95 -21.13
CA ALA A 262 2.72 -8.25 -22.36
C ALA A 262 1.48 -7.38 -22.15
N VAL A 263 1.48 -6.23 -22.81
CA VAL A 263 0.33 -5.34 -22.86
C VAL A 263 -0.15 -5.25 -24.30
N MET A 264 -1.46 -5.34 -24.49
CA MET A 264 -2.05 -5.21 -25.82
C MET A 264 -3.33 -4.41 -25.71
N SER A 265 -3.67 -3.76 -26.81
CA SER A 265 -4.89 -2.99 -26.92
C SER A 265 -5.87 -3.75 -27.81
N LEU A 266 -6.78 -4.50 -27.19
CA LEU A 266 -7.83 -5.22 -27.90
C LEU A 266 -9.19 -4.67 -27.48
N LYS A 267 -10.19 -4.81 -28.34
CA LYS A 267 -11.37 -3.99 -28.09
C LYS A 267 -12.45 -4.69 -27.26
N GLU A 268 -13.23 -5.60 -27.84
CA GLU A 268 -13.94 -6.60 -27.06
C GLU A 268 -14.09 -7.90 -27.82
N GLY A 269 -14.37 -7.76 -29.12
CA GLY A 269 -14.63 -8.92 -29.96
C GLY A 269 -13.40 -9.76 -30.21
N GLN A 270 -12.23 -9.27 -29.83
CA GLN A 270 -10.97 -9.97 -30.02
C GLN A 270 -10.56 -10.78 -28.81
N ILE A 271 -11.36 -10.79 -27.74
CA ILE A 271 -10.98 -11.46 -26.50
C ILE A 271 -11.59 -12.86 -26.56
N ASN A 272 -10.80 -13.79 -27.07
CA ASN A 272 -11.19 -15.19 -27.22
C ASN A 272 -11.26 -15.87 -25.86
N ASP A 273 -11.57 -17.16 -25.90
CA ASP A 273 -11.21 -18.03 -24.79
C ASP A 273 -9.69 -18.16 -24.69
N MET A 274 -9.00 -18.03 -25.83
CA MET A 274 -7.55 -18.04 -25.82
C MET A 274 -6.99 -16.84 -25.05
N ILE A 275 -7.53 -15.64 -25.31
CA ILE A 275 -7.10 -14.45 -24.58
C ILE A 275 -7.51 -14.55 -23.12
N LEU A 276 -8.78 -14.90 -22.87
CA LEU A 276 -9.26 -15.10 -21.52
C LEU A 276 -8.36 -16.04 -20.74
N SER A 277 -7.80 -17.04 -21.42
CA SER A 277 -6.91 -18.00 -20.78
C SER A 277 -5.58 -17.35 -20.41
N LEU A 278 -5.02 -16.55 -21.31
CA LEU A 278 -3.79 -15.84 -20.99
C LEU A 278 -4.01 -14.84 -19.86
N LEU A 279 -5.12 -14.12 -19.91
CA LEU A 279 -5.51 -13.25 -18.81
C LEU A 279 -5.54 -14.00 -17.50
N SER A 280 -6.11 -15.20 -17.51
CA SER A 280 -6.32 -15.98 -16.30
C SER A 280 -5.01 -16.44 -15.68
N LYS A 281 -3.96 -16.55 -16.47
CA LYS A 281 -2.68 -17.05 -15.99
C LYS A 281 -1.70 -15.93 -15.63
N GLY A 282 -2.14 -14.68 -15.64
CA GLY A 282 -1.21 -13.63 -15.26
C GLY A 282 -0.23 -13.28 -16.35
N ARG A 283 -0.54 -13.64 -17.60
CA ARG A 283 0.39 -13.47 -18.70
C ARG A 283 -0.01 -12.36 -19.67
N LEU A 284 -1.08 -11.62 -19.41
CA LEU A 284 -1.52 -10.61 -20.36
C LEU A 284 -2.22 -9.46 -19.65
N ILE A 285 -1.97 -8.24 -20.14
CA ILE A 285 -2.65 -7.03 -19.71
C ILE A 285 -3.27 -6.37 -20.94
N ILE A 286 -4.54 -6.00 -20.86
CA ILE A 286 -5.25 -5.39 -21.97
C ILE A 286 -5.65 -3.99 -21.54
N ARG A 287 -5.04 -2.99 -22.18
CA ARG A 287 -5.32 -1.57 -21.99
C ARG A 287 -4.45 -0.82 -23.00
N GLU A 288 -4.73 0.47 -23.15
CA GLU A 288 -3.82 1.33 -23.89
C GLU A 288 -2.55 1.55 -23.06
N ASN A 289 -1.48 2.00 -23.71
CA ASN A 289 -0.31 2.40 -22.93
C ASN A 289 0.10 3.83 -23.25
N ASN A 290 -0.89 4.72 -23.23
CA ASN A 290 -0.67 6.14 -23.45
C ASN A 290 -0.11 6.78 -22.18
N ARG A 291 -0.14 8.11 -22.14
CA ARG A 291 0.22 8.87 -20.96
C ARG A 291 -0.83 8.67 -19.86
N VAL A 292 -0.37 8.72 -18.63
CA VAL A 292 -1.24 8.61 -17.46
C VAL A 292 -1.64 10.01 -17.00
N VAL A 293 -2.94 10.30 -17.00
CA VAL A 293 -3.48 11.61 -16.66
C VAL A 293 -4.58 11.43 -15.63
N ILE A 294 -4.49 12.17 -14.53
CA ILE A 294 -5.45 12.06 -13.43
C ILE A 294 -5.91 13.47 -13.07
N SER A 295 -7.03 13.56 -12.37
CA SER A 295 -7.49 14.85 -11.92
C SER A 295 -8.40 14.63 -10.72
N SER A 296 -8.63 15.71 -10.00
CA SER A 296 -9.53 15.73 -8.87
C SER A 296 -10.59 16.80 -9.12
N ASP A 297 -11.87 16.44 -9.01
CA ASP A 297 -12.94 17.41 -9.15
C ASP A 297 -13.02 18.32 -7.92
N VAL A 298 -13.09 19.63 -8.16
CA VAL A 298 -13.18 20.61 -7.09
C VAL A 298 -14.51 21.35 -7.21
N LEU A 299 -15.28 21.34 -6.13
CA LEU A 299 -16.53 22.10 -6.07
C LEU A 299 -16.25 23.52 -5.65
N VAL A 300 -16.78 24.49 -6.40
CA VAL A 300 -16.60 25.91 -6.11
C VAL A 300 -17.87 26.39 -5.41
N ASN A 301 -17.72 26.84 -4.17
CA ASN A 301 -18.81 27.33 -3.31
C ASN A 301 -20.17 26.67 -3.56
N ALA B 21 12.79 40.77 0.60
CA ALA B 21 14.02 40.08 1.02
C ALA B 21 13.76 39.04 2.13
N PHE B 22 12.54 39.02 2.66
CA PHE B 22 12.18 38.10 3.72
C PHE B 22 11.95 36.69 3.18
N ALA B 23 12.33 35.69 3.99
CA ALA B 23 12.14 34.29 3.65
C ALA B 23 12.25 33.47 4.93
N VAL B 24 11.22 32.69 5.24
CA VAL B 24 11.26 31.90 6.46
C VAL B 24 12.36 30.86 6.36
N ASP B 25 13.06 30.64 7.46
CA ASP B 25 14.19 29.70 7.50
C ASP B 25 13.82 28.56 8.44
N ALA B 26 13.10 27.57 7.92
CA ALA B 26 12.64 26.47 8.75
C ALA B 26 13.80 25.58 9.20
N ALA B 27 14.81 25.41 8.36
CA ALA B 27 15.97 24.61 8.74
C ALA B 27 16.60 25.16 10.03
N LYS B 28 16.82 26.47 10.07
CA LYS B 28 17.38 27.09 11.27
C LYS B 28 16.44 26.97 12.45
N ALA B 29 15.14 27.21 12.23
CA ALA B 29 14.18 27.12 13.32
C ALA B 29 14.13 25.69 13.90
N TYR B 30 14.29 24.67 13.05
CA TYR B 30 14.26 23.31 13.58
C TYR B 30 15.53 23.00 14.37
N LYS B 31 16.70 23.32 13.79
CA LYS B 31 17.97 23.16 14.50
C LYS B 31 17.95 23.89 15.84
N ASP B 32 17.45 25.12 15.86
CA ASP B 32 17.42 25.86 17.13
C ASP B 32 16.44 25.24 18.10
N TYR B 33 15.32 24.72 17.58
CA TYR B 33 14.37 24.04 18.46
C TYR B 33 14.98 22.74 19.00
N LEU B 34 15.79 22.05 18.21
CA LEU B 34 16.46 20.84 18.69
C LEU B 34 17.47 21.19 19.78
N ALA B 35 18.28 22.23 19.55
CA ALA B 35 19.26 22.65 20.55
C ALA B 35 18.58 23.04 21.86
N SER B 36 17.48 23.77 21.79
CA SER B 36 16.77 24.15 23.00
C SER B 36 16.06 22.98 23.67
N GLY B 37 16.26 21.74 23.24
CA GLY B 37 15.70 20.60 23.94
C GLY B 37 14.31 20.16 23.50
N GLY B 38 13.95 20.40 22.24
CA GLY B 38 12.63 19.99 21.75
C GLY B 38 12.64 18.58 21.17
N GLN B 39 11.53 17.89 21.37
CA GLN B 39 11.39 16.52 20.87
C GLN B 39 11.43 16.48 19.34
N PRO B 40 12.25 15.61 18.75
CA PRO B 40 12.34 15.56 17.27
C PRO B 40 10.99 15.26 16.60
N ILE B 41 10.93 15.58 15.31
CA ILE B 41 9.80 15.19 14.50
C ILE B 41 9.70 13.66 14.49
N THR B 42 8.50 13.14 14.74
CA THR B 42 8.21 11.73 14.84
C THR B 42 7.45 11.24 13.61
N ASN B 43 7.12 9.94 13.63
CA ASN B 43 6.31 9.28 12.60
C ASN B 43 7.00 9.26 11.24
N CYS B 44 8.32 9.37 11.19
CA CYS B 44 8.99 9.00 9.96
C CYS B 44 8.75 7.52 9.69
N VAL B 45 8.64 7.16 8.42
CA VAL B 45 8.15 5.83 8.01
C VAL B 45 9.35 4.89 7.88
N LYS B 46 9.56 4.05 8.89
CA LYS B 46 10.68 3.11 8.85
C LYS B 46 10.28 1.83 8.14
N MET B 47 11.12 1.38 7.22
CA MET B 47 10.80 0.23 6.38
C MET B 47 11.35 -1.06 6.98
N LEU B 48 10.72 -2.17 6.64
CA LEU B 48 11.35 -3.46 6.84
C LEU B 48 12.28 -3.74 5.67
N CYS B 49 13.48 -4.25 5.97
CA CYS B 49 14.46 -4.53 4.93
C CYS B 49 15.47 -5.52 5.49
N THR B 50 16.35 -6.03 4.62
CA THR B 50 17.35 -7.03 5.03
C THR B 50 18.41 -6.47 5.96
N HIS B 51 18.74 -5.18 5.80
CA HIS B 51 19.90 -4.59 6.46
C HIS B 51 21.21 -5.21 5.98
N THR B 52 21.21 -5.68 4.73
CA THR B 52 22.41 -6.13 4.04
C THR B 52 22.62 -5.31 2.77
N GLY B 53 22.13 -4.06 2.76
CA GLY B 53 22.18 -3.23 1.58
C GLY B 53 23.47 -2.47 1.47
N THR B 54 23.56 -1.65 0.40
CA THR B 54 24.79 -0.94 0.10
C THR B 54 25.14 0.13 1.13
N GLY B 55 24.20 0.54 1.96
CA GLY B 55 24.48 1.59 2.92
C GLY B 55 24.54 3.00 2.38
N GLN B 56 24.29 3.21 1.09
CA GLN B 56 24.28 4.55 0.52
C GLN B 56 23.13 5.37 1.08
N ALA B 57 23.23 6.69 0.92
CA ALA B 57 22.43 7.63 1.70
C ALA B 57 20.97 7.69 1.22
N ILE B 58 20.76 7.88 -0.07
CA ILE B 58 19.43 8.10 -0.63
C ILE B 58 19.30 7.20 -1.85
N THR B 59 18.37 6.25 -1.81
CA THR B 59 18.33 5.20 -2.82
C THR B 59 16.90 4.95 -3.29
N VAL B 60 16.78 4.25 -4.42
CA VAL B 60 15.46 4.00 -5.01
C VAL B 60 14.67 2.92 -4.26
N THR B 61 15.33 2.09 -3.45
CA THR B 61 14.66 1.11 -2.60
C THR B 61 15.50 1.00 -1.35
N PRO B 62 14.93 0.50 -0.25
CA PRO B 62 15.69 0.48 1.01
C PRO B 62 17.05 -0.18 0.86
N GLU B 63 18.08 0.46 1.42
CA GLU B 63 19.44 -0.02 1.27
C GLU B 63 20.22 0.02 2.59
N ALA B 64 19.51 -0.02 3.72
CA ALA B 64 20.21 0.00 5.00
C ALA B 64 21.20 -1.17 5.10
N ASN B 65 22.37 -0.89 5.67
CA ASN B 65 23.28 -1.93 6.11
C ASN B 65 22.96 -2.30 7.55
N MET B 66 23.85 -3.05 8.20
CA MET B 66 23.63 -3.51 9.57
C MET B 66 23.61 -2.36 10.57
N ASP B 67 24.23 -1.23 10.24
CA ASP B 67 24.31 -0.09 11.14
C ASP B 67 23.28 1.01 10.82
N GLN B 68 22.37 0.76 9.89
CA GLN B 68 21.45 1.78 9.41
C GLN B 68 20.00 1.32 9.51
N GLU B 69 19.10 2.30 9.53
CA GLU B 69 17.68 2.09 9.29
C GLU B 69 17.29 2.80 8.00
N SER B 70 16.31 2.23 7.31
CA SER B 70 15.82 2.77 6.05
C SER B 70 14.43 3.36 6.27
N PHE B 71 14.20 4.58 5.78
CA PHE B 71 12.94 5.27 5.95
C PHE B 71 12.37 5.74 4.61
N GLY B 72 11.05 5.79 4.51
CA GLY B 72 10.44 6.43 3.36
C GLY B 72 10.83 7.89 3.29
N GLY B 73 11.34 8.34 2.13
CA GLY B 73 12.03 9.61 2.06
C GLY B 73 11.15 10.81 2.42
N ALA B 74 9.96 10.87 1.82
CA ALA B 74 9.07 12.01 2.07
C ALA B 74 8.87 12.25 3.55
N SER B 75 8.73 11.18 4.34
CA SER B 75 8.49 11.35 5.77
C SER B 75 9.67 11.92 6.53
N CYS B 76 10.85 11.95 5.91
CA CYS B 76 12.06 12.46 6.54
C CYS B 76 12.46 13.85 6.04
N CYS B 77 11.65 14.45 5.18
CA CYS B 77 11.95 15.77 4.62
C CYS B 77 11.28 16.84 5.45
N LEU B 78 12.08 17.72 6.07
CA LEU B 78 11.54 18.83 6.83
C LEU B 78 10.51 19.63 6.03
N TYR B 79 10.82 19.95 4.78
CA TYR B 79 9.92 20.79 3.98
C TYR B 79 8.64 20.05 3.61
N CYS B 80 8.75 18.78 3.21
CA CYS B 80 7.55 17.96 3.02
C CYS B 80 6.69 17.92 4.27
N ARG B 81 7.33 17.69 5.42
CA ARG B 81 6.59 17.42 6.64
C ARG B 81 5.96 18.69 7.22
N CYS B 82 6.59 19.84 7.03
CA CYS B 82 6.03 21.09 7.52
C CYS B 82 5.13 21.78 6.51
N HIS B 83 4.95 21.20 5.31
CA HIS B 83 4.14 21.81 4.26
C HIS B 83 4.66 23.21 3.93
N ILE B 84 5.94 23.28 3.56
CA ILE B 84 6.57 24.53 3.16
C ILE B 84 7.39 24.27 1.91
N ASP B 85 7.82 25.36 1.27
CA ASP B 85 8.50 25.23 -0.01
C ASP B 85 9.89 24.64 0.19
N HIS B 86 10.36 23.95 -0.82
CA HIS B 86 11.72 23.43 -0.77
C HIS B 86 12.69 24.53 -1.19
N PRO B 87 13.80 24.70 -0.48
CA PRO B 87 14.71 25.84 -0.71
C PRO B 87 15.66 25.62 -1.90
N ASN B 88 15.10 25.84 -3.08
CA ASN B 88 15.82 25.88 -4.34
C ASN B 88 14.86 26.40 -5.41
N PRO B 89 15.39 27.00 -6.51
CA PRO B 89 14.51 27.66 -7.48
C PRO B 89 13.37 26.78 -7.99
N LYS B 90 13.69 25.66 -8.63
CA LYS B 90 12.71 24.62 -8.87
C LYS B 90 12.52 23.88 -7.54
N GLY B 91 11.34 24.01 -6.94
CA GLY B 91 11.16 23.57 -5.57
C GLY B 91 11.19 22.06 -5.40
N PHE B 92 12.28 21.44 -5.86
CA PHE B 92 12.41 19.99 -6.01
C PHE B 92 12.88 19.35 -4.71
N CYS B 93 12.39 18.13 -4.46
CA CYS B 93 12.71 17.37 -3.26
C CYS B 93 13.57 16.18 -3.63
N ASP B 94 14.75 16.06 -3.03
CA ASP B 94 15.62 14.93 -3.33
C ASP B 94 15.35 13.73 -2.43
N LEU B 95 14.36 13.80 -1.54
CA LEU B 95 13.99 12.69 -0.65
C LEU B 95 12.70 12.00 -1.04
N LYS B 96 11.71 12.79 -1.46
CA LYS B 96 10.39 12.29 -1.81
C LYS B 96 10.47 11.20 -2.88
N GLY B 97 9.77 10.10 -2.63
CA GLY B 97 9.74 9.00 -3.58
C GLY B 97 10.95 8.09 -3.53
N LYS B 98 11.87 8.32 -2.59
CA LYS B 98 13.04 7.49 -2.40
C LYS B 98 13.10 7.00 -0.95
N TYR B 99 14.21 6.34 -0.60
CA TYR B 99 14.44 5.86 0.75
C TYR B 99 15.74 6.45 1.26
N VAL B 100 15.74 6.87 2.51
CA VAL B 100 16.93 7.45 3.12
C VAL B 100 17.43 6.51 4.21
N GLN B 101 18.72 6.20 4.14
CA GLN B 101 19.38 5.42 5.17
C GLN B 101 19.86 6.33 6.29
N ILE B 102 19.49 6.01 7.53
CA ILE B 102 19.86 6.80 8.69
C ILE B 102 20.68 5.89 9.61
N PRO B 103 21.87 6.32 10.06
CA PRO B 103 22.60 5.55 11.08
C PRO B 103 21.69 5.25 12.26
N THR B 104 21.77 4.02 12.75
CA THR B 104 20.86 3.58 13.80
C THR B 104 20.97 4.46 15.02
N THR B 105 22.18 4.93 15.35
CA THR B 105 22.34 5.78 16.51
C THR B 105 21.62 7.13 16.37
N CYS B 106 21.31 7.55 15.15
CA CYS B 106 20.63 8.83 14.90
C CYS B 106 19.18 8.67 14.46
N ALA B 107 18.67 7.43 14.41
CA ALA B 107 17.35 7.18 13.85
C ALA B 107 16.23 7.73 14.70
N ASN B 108 16.52 8.24 15.90
CA ASN B 108 15.48 8.90 16.68
C ASN B 108 15.07 10.26 16.09
N ASP B 109 15.81 10.78 15.13
CA ASP B 109 15.51 12.08 14.52
C ASP B 109 15.99 12.06 13.08
N PRO B 110 15.30 11.32 12.21
CA PRO B 110 15.75 11.29 10.81
C PRO B 110 15.67 12.64 10.12
N VAL B 111 14.69 13.46 10.46
CA VAL B 111 14.57 14.77 9.80
C VAL B 111 15.79 15.64 10.11
N GLY B 112 16.15 15.73 11.39
CA GLY B 112 17.35 16.47 11.73
C GLY B 112 18.60 15.90 11.09
N PHE B 113 18.66 14.56 10.97
CA PHE B 113 19.86 13.97 10.38
C PHE B 113 20.01 14.38 8.93
N THR B 114 18.94 14.28 8.13
CA THR B 114 19.09 14.64 6.72
C THR B 114 19.36 16.13 6.55
N LEU B 115 18.84 16.97 7.45
CA LEU B 115 19.12 18.40 7.37
C LEU B 115 20.59 18.70 7.59
N LYS B 116 21.17 18.12 8.64
CA LYS B 116 22.51 18.49 9.07
C LYS B 116 23.62 17.82 8.28
N ASN B 117 23.32 16.80 7.48
CA ASN B 117 24.38 16.01 6.89
C ASN B 117 24.34 16.10 5.38
N THR B 118 25.45 15.70 4.76
CA THR B 118 25.63 15.84 3.32
C THR B 118 26.05 14.50 2.71
N VAL B 119 25.61 14.29 1.48
CA VAL B 119 25.89 13.06 0.74
C VAL B 119 27.10 13.29 -0.15
N CYS B 120 28.10 12.42 -0.04
CA CYS B 120 29.23 12.49 -0.95
C CYS B 120 28.79 12.26 -2.40
N THR B 121 29.18 13.16 -3.28
CA THR B 121 28.79 13.03 -4.68
C THR B 121 29.56 11.92 -5.41
N VAL B 122 30.52 11.28 -4.78
CA VAL B 122 31.26 10.16 -5.36
C VAL B 122 30.90 8.83 -4.69
N CYS B 123 30.88 8.82 -3.35
CA CYS B 123 30.50 7.60 -2.63
C CYS B 123 29.02 7.27 -2.81
N GLY B 124 28.16 8.29 -2.76
CA GLY B 124 26.76 8.08 -2.43
C GLY B 124 26.52 7.87 -0.95
N MET B 125 27.57 7.81 -0.15
CA MET B 125 27.49 7.64 1.30
C MET B 125 27.39 8.99 1.99
N TRP B 126 26.94 8.96 3.24
CA TRP B 126 26.94 10.15 4.08
C TRP B 126 28.36 10.53 4.46
N LYS B 127 28.70 11.81 4.27
CA LYS B 127 29.99 12.30 4.76
C LYS B 127 30.11 12.04 6.25
N GLY B 128 31.19 11.40 6.66
CA GLY B 128 31.37 11.05 8.05
C GLY B 128 30.51 9.92 8.56
N TYR B 129 29.72 9.27 7.70
CA TYR B 129 28.93 8.12 8.10
C TYR B 129 28.96 7.06 7.01
N GLY B 130 30.14 6.80 6.45
CA GLY B 130 30.25 5.79 5.42
C GLY B 130 31.16 6.18 4.28
N CYS B 131 31.22 7.46 3.96
CA CYS B 131 32.13 7.94 2.92
C CYS B 131 33.58 7.77 3.37
N SER B 132 34.37 7.07 2.56
CA SER B 132 35.79 6.87 2.84
C SER B 132 36.68 7.44 1.74
N CYS B 133 36.16 8.33 0.91
CA CYS B 133 36.93 8.92 -0.19
C CYS B 133 38.13 9.73 0.30
N ASP B 134 38.08 10.23 1.53
CA ASP B 134 39.15 11.06 2.08
C ASP B 134 40.08 10.23 2.97
N GLN B 135 40.69 9.21 2.36
CA GLN B 135 41.62 8.35 3.08
C GLN B 135 42.84 8.04 2.22
C10 A1H4C C . -9.69 2.02 12.74
C13 A1H4C C . -10.15 4.47 12.71
C14 A1H4C C . -10.11 5.76 12.15
C15 A1H4C C . -10.73 6.87 12.93
C16 A1H4C C . -10.64 6.87 14.34
C17 A1H4C C . -11.23 7.89 15.10
C18 A1H4C C . -11.92 8.93 14.47
C19 A1H4C C . -12.02 8.94 13.07
C3' A1H4C C . -8.10 7.28 6.09
C21 A1H4C C . -11.42 7.92 12.31
C22 A1H4C C . -9.51 5.90 10.88
C1' A1H4C C . -9.54 7.27 4.20
C4 A1H4C C . -11.30 7.91 2.45
C2 A1H4C C . -11.24 8.94 0.48
C4' A1H4C C . -7.97 5.97 5.28
C6 A1H4C C . -13.33 8.26 1.21
C5 A1H4C C . -12.68 7.75 2.36
C8 A1H4C C . -12.09 6.88 4.20
C2' A1H4C C . -9.36 7.97 5.55
C5' A1H4C C . -8.14 4.66 6.09
C3 A1H4C C . -8.30 4.93 8.84
C7 A1H4C C . -8.96 4.79 10.21
C1 A1H4C C . -9.01 3.53 10.81
C9 A1H4C C . -9.61 3.36 12.07
N9 A1H4C C . -10.93 7.32 3.65
N3 A1H4C C . -10.51 8.50 1.52
N1 A1H4C C . -12.57 8.86 0.25
N6 A1H4C C . -14.72 8.17 1.00
N7 A1H4C C . -13.15 7.12 3.45
O3' A1H4C C . -6.92 8.06 5.98
O11 A1H4C C . -9.04 1.06 12.25
O12 A1H4C C . -10.42 1.93 13.77
O20 A1H4C C . -12.69 9.95 12.43
O4' A1H4C C . -9.09 5.97 4.40
O2' A1H4C C . -9.32 9.38 5.38
S1 A1H4C C . -9.39 4.67 7.41
O1 MES D . -2.63 -17.41 -8.40
C2 MES D . -1.76 -18.07 -7.47
C3 MES D . -2.26 -19.41 -6.94
N4 MES D . -3.72 -19.47 -6.79
C5 MES D . -4.53 -18.89 -7.85
C6 MES D . -4.03 -17.47 -8.09
C7 MES D . -4.17 -20.75 -6.24
C8 MES D . -5.69 -20.84 -6.36
S MES D . -6.31 -22.15 -5.51
O1S MES D . -5.42 -23.32 -5.65
O2S MES D . -7.67 -22.48 -6.02
O3S MES D . -6.43 -21.75 -4.08
ZN ZN E . 32.68 9.51 -0.72
ZN ZN F . 10.58 17.10 0.60
#